data_4Z36
#
_entry.id   4Z36
#
_cell.length_a   34.350
_cell.length_b   111.930
_cell.length_c   153.960
_cell.angle_alpha   90.00
_cell.angle_beta   90.00
_cell.angle_gamma   90.00
#
_symmetry.space_group_name_H-M   'P 21 21 21'
#
loop_
_entity.id
_entity.type
_entity.pdbx_description
1 polymer 'Lysophosphatidic acid receptor 1,Soluble cytochrome b562'
2 non-polymer '1-(4-{[(2S,3R)-2-(2,3-dihydro-1H-inden-2-yloxy)-3-(3,5-dimethoxy-4-methylphenyl)-3-hydroxypropyl]oxy}phenyl)cyclopropan ecarboxylic acid'
3 non-polymer '(2S)-2,3-dihydroxypropyl (7Z)-tetradec-7-enoate'
4 water water
#
_entity_poly.entity_id   1
_entity_poly.type   'polypeptide(L)'
_entity_poly.pdbx_seq_one_letter_code
;MKTIIALSYIFCLVFAGAPAAISTSIPVISQPQFTAMNEPQCFYNESIAFFYNRSGKHLATEWNTVSKLVMGLGITVCIF
IMLANLLVMVAIYVNRRFHFPIYYLMANLAAADFFAGLAYFYLMFNTGPNTRRLTVSTWLLRQGLIDTSLTASVANLLAI
AIERHITVFRMQLHTRMSNRRVVVVIVVIWTMAIVMGAIPSVGWNCICDIENCSNMAPLYSCSYLVFWAIFNLVTFVVMV
VLYAHIFGYVADLEDNWETLNDNLKVIEKADNAAQVKDALTKMRAAALDAQKGGSGGSDSPEMKDFRHGFDILVGQIDDA
LKLANEGKVKEAQAAAEQLKTTRNAYIQKYLRNRDTMMSLLKTVVIVLGAFIICWTPGLVLLLLDCCCPQCDVLAYEKFF
LLLAEFNSAMNPIIYSYRDKEMSATFRQILGRPLEVLFQGPHHHHHHHHHHDYKDDDDK
;
_entity_poly.pdbx_strand_id   A
#
loop_
_chem_comp.id
_chem_comp.type
_chem_comp.name
_chem_comp.formula
1WV non-polymer '(2S)-2,3-dihydroxypropyl (7Z)-tetradec-7-enoate' 'C17 H32 O4'
ON3 non-polymer '1-(4-{[(2S,3R)-2-(2,3-dihydro-1H-inden-2-yloxy)-3-(3,5-dimethoxy-4-methylphenyl)-3-hydroxypropyl]oxy}phenyl)cyclopropan ecarboxylic acid' 'C31 H34 O7'
#
# COMPACT_ATOMS: atom_id res chain seq x y z
N GLN A 41 -3.59 -30.81 -29.32
CA GLN A 41 -3.64 -29.52 -28.63
C GLN A 41 -3.21 -29.66 -27.16
N CYS A 42 -3.72 -30.69 -26.45
CA CYS A 42 -3.43 -30.97 -25.05
C CYS A 42 -1.96 -31.43 -24.90
N PHE A 43 -1.08 -30.46 -24.56
CA PHE A 43 0.37 -30.57 -24.35
C PHE A 43 1.10 -31.22 -25.54
N TYR A 44 0.81 -30.72 -26.75
CA TYR A 44 1.45 -31.17 -27.99
C TYR A 44 2.75 -30.40 -28.19
N ASN A 45 3.66 -30.90 -29.06
CA ASN A 45 4.92 -30.20 -29.34
C ASN A 45 4.67 -29.09 -30.38
N GLU A 46 3.70 -28.20 -30.06
CA GLU A 46 3.28 -27.07 -30.90
C GLU A 46 4.04 -25.81 -30.53
N SER A 47 4.39 -25.01 -31.55
CA SER A 47 5.08 -23.74 -31.37
C SER A 47 4.12 -22.67 -30.83
N ILE A 48 4.65 -21.48 -30.46
CA ILE A 48 3.87 -20.36 -29.94
C ILE A 48 2.92 -19.83 -31.05
N ALA A 49 3.30 -20.02 -32.33
CA ALA A 49 2.54 -19.62 -33.52
C ALA A 49 1.16 -20.29 -33.57
N PHE A 50 1.05 -21.53 -33.05
CA PHE A 50 -0.19 -22.32 -33.01
C PHE A 50 -1.23 -21.66 -32.07
N PHE A 51 -0.80 -21.23 -30.88
CA PHE A 51 -1.66 -20.61 -29.86
C PHE A 51 -2.00 -19.16 -30.23
N TYR A 52 -1.00 -18.39 -30.72
CA TYR A 52 -1.14 -16.98 -31.10
C TYR A 52 -2.01 -16.78 -32.35
N ASN A 53 -2.06 -17.76 -33.28
CA ASN A 53 -2.85 -17.66 -34.50
C ASN A 53 -4.33 -17.96 -34.24
N ARG A 54 -4.63 -18.93 -33.34
CA ARG A 54 -6.00 -19.33 -32.97
C ARG A 54 -6.77 -18.17 -32.34
N SER A 55 -6.13 -17.42 -31.43
CA SER A 55 -6.70 -16.26 -30.76
C SER A 55 -6.42 -14.98 -31.56
N GLY A 56 -7.20 -13.93 -31.32
CA GLY A 56 -7.04 -12.65 -31.99
C GLY A 56 -5.85 -11.88 -31.45
N LYS A 57 -4.63 -12.40 -31.70
CA LYS A 57 -3.37 -11.82 -31.24
C LYS A 57 -2.33 -11.81 -32.37
N HIS A 58 -1.54 -10.73 -32.43
CA HIS A 58 -0.49 -10.50 -33.42
C HIS A 58 0.83 -11.16 -33.01
N LEU A 59 1.60 -11.64 -34.00
CA LEU A 59 2.92 -12.26 -33.82
C LEU A 59 3.85 -11.82 -34.94
N ALA A 60 4.93 -11.11 -34.59
CA ALA A 60 5.90 -10.57 -35.53
C ALA A 60 7.04 -11.56 -35.82
N THR A 61 7.62 -11.47 -37.02
CA THR A 61 8.74 -12.31 -37.48
C THR A 61 9.97 -11.43 -37.79
N GLU A 62 9.73 -10.15 -38.15
CA GLU A 62 10.76 -9.16 -38.49
C GLU A 62 11.03 -8.22 -37.30
N TRP A 63 12.22 -7.57 -37.28
CA TRP A 63 12.57 -6.62 -36.24
C TRP A 63 11.93 -5.27 -36.56
N ASN A 64 10.83 -4.98 -35.85
CA ASN A 64 10.02 -3.77 -36.01
C ASN A 64 10.72 -2.53 -35.39
N THR A 65 10.30 -1.32 -35.79
CA THR A 65 10.86 -0.05 -35.33
C THR A 65 10.41 0.23 -33.87
N VAL A 66 9.12 0.02 -33.55
CA VAL A 66 8.57 0.26 -32.20
C VAL A 66 9.05 -0.85 -31.22
N SER A 67 9.33 -2.07 -31.74
CA SER A 67 9.79 -3.21 -30.94
C SER A 67 11.20 -2.95 -30.39
N LYS A 68 12.05 -2.25 -31.17
CA LYS A 68 13.42 -1.89 -30.79
C LYS A 68 13.42 -0.82 -29.71
N LEU A 69 12.48 0.15 -29.79
CA LEU A 69 12.38 1.26 -28.84
C LEU A 69 11.71 0.81 -27.52
N VAL A 70 10.69 -0.09 -27.58
CA VAL A 70 10.00 -0.59 -26.39
C VAL A 70 10.98 -1.51 -25.60
N MET A 71 11.91 -2.18 -26.30
CA MET A 71 12.95 -3.01 -25.70
C MET A 71 14.04 -2.11 -25.12
N GLY A 72 14.42 -1.08 -25.88
CA GLY A 72 15.42 -0.08 -25.51
C GLY A 72 15.04 0.68 -24.25
N LEU A 73 13.79 1.17 -24.19
CA LEU A 73 13.24 1.89 -23.04
C LEU A 73 13.00 0.91 -21.87
N GLY A 74 12.54 -0.30 -22.20
CA GLY A 74 12.26 -1.38 -21.25
C GLY A 74 13.45 -1.79 -20.41
N ILE A 75 14.62 -2.02 -21.05
CA ILE A 75 15.87 -2.40 -20.40
C ILE A 75 16.39 -1.22 -19.54
N THR A 76 16.37 0.02 -20.11
CA THR A 76 16.82 1.25 -19.45
C THR A 76 16.07 1.45 -18.11
N VAL A 77 14.75 1.18 -18.09
CA VAL A 77 13.91 1.29 -16.89
C VAL A 77 14.27 0.14 -15.94
N CYS A 78 14.44 -1.11 -16.46
CA CYS A 78 14.79 -2.32 -15.70
C CYS A 78 16.10 -2.14 -14.93
N ILE A 79 17.14 -1.56 -15.57
CA ILE A 79 18.45 -1.32 -14.96
C ILE A 79 18.30 -0.31 -13.79
N PHE A 80 17.46 0.74 -13.99
CA PHE A 80 17.18 1.77 -12.98
C PHE A 80 16.45 1.16 -11.77
N ILE A 81 15.50 0.23 -12.01
CA ILE A 81 14.73 -0.46 -10.95
C ILE A 81 15.71 -1.30 -10.09
N MET A 82 16.62 -2.03 -10.76
CA MET A 82 17.63 -2.89 -10.12
C MET A 82 18.73 -2.07 -9.40
N LEU A 83 18.76 -0.73 -9.58
CA LEU A 83 19.73 0.16 -8.94
C LEU A 83 19.09 1.01 -7.85
N ALA A 84 17.90 1.60 -8.11
CA ALA A 84 17.18 2.46 -7.16
C ALA A 84 16.61 1.65 -5.98
N ASN A 85 16.04 0.46 -6.24
CA ASN A 85 15.48 -0.41 -5.20
C ASN A 85 16.59 -1.12 -4.41
N LEU A 86 17.77 -1.29 -5.02
CA LEU A 86 18.93 -1.91 -4.37
C LEU A 86 19.57 -0.91 -3.40
N LEU A 87 19.54 0.40 -3.77
CA LEU A 87 20.08 1.51 -2.99
C LEU A 87 19.29 1.72 -1.69
N VAL A 88 17.95 1.59 -1.74
CA VAL A 88 17.07 1.78 -0.57
C VAL A 88 17.17 0.52 0.35
N MET A 89 17.47 -0.67 -0.22
CA MET A 89 17.63 -1.91 0.55
C MET A 89 18.91 -1.88 1.41
N VAL A 90 19.98 -1.26 0.87
CA VAL A 90 21.26 -1.09 1.57
C VAL A 90 21.10 0.01 2.63
N ALA A 91 20.34 1.08 2.31
CA ALA A 91 20.05 2.23 3.18
C ALA A 91 19.39 1.81 4.50
N ILE A 92 18.42 0.86 4.45
CA ILE A 92 17.69 0.34 5.61
C ILE A 92 18.63 -0.59 6.43
N TYR A 93 19.51 -1.32 5.73
CA TYR A 93 20.48 -2.27 6.30
C TYR A 93 21.58 -1.56 7.12
N VAL A 94 22.12 -0.42 6.64
CA VAL A 94 23.23 0.28 7.32
C VAL A 94 22.74 1.28 8.39
N ASN A 95 21.62 1.99 8.16
CA ASN A 95 21.11 2.99 9.10
C ASN A 95 20.42 2.32 10.29
N ARG A 96 20.76 2.79 11.51
CA ARG A 96 20.27 2.30 12.80
C ARG A 96 18.77 2.59 13.00
N ARG A 97 18.29 3.79 12.62
CA ARG A 97 16.90 4.23 12.79
C ARG A 97 15.91 3.44 11.89
N PHE A 98 16.41 2.76 10.84
CA PHE A 98 15.53 2.01 9.94
C PHE A 98 15.48 0.49 10.28
N HIS A 99 15.80 0.13 11.54
CA HIS A 99 15.73 -1.26 12.00
C HIS A 99 14.42 -1.47 12.78
N PHE A 100 13.28 -1.25 12.09
CA PHE A 100 11.93 -1.38 12.65
C PHE A 100 11.02 -2.21 11.71
N PRO A 101 10.00 -2.94 12.27
CA PRO A 101 9.14 -3.79 11.43
C PRO A 101 8.56 -3.14 10.17
N ILE A 102 8.22 -1.83 10.22
CA ILE A 102 7.64 -1.11 9.07
C ILE A 102 8.70 -0.92 7.96
N TYR A 103 9.96 -0.58 8.32
CA TYR A 103 11.02 -0.33 7.35
C TYR A 103 11.56 -1.64 6.74
N TYR A 104 11.47 -2.78 7.47
CA TYR A 104 11.92 -4.08 6.94
C TYR A 104 10.96 -4.56 5.84
N LEU A 105 9.67 -4.23 5.98
CA LEU A 105 8.61 -4.55 5.01
C LEU A 105 8.76 -3.71 3.74
N MET A 106 9.31 -2.48 3.87
CA MET A 106 9.56 -1.56 2.76
C MET A 106 10.72 -2.08 1.90
N ALA A 107 11.73 -2.71 2.54
CA ALA A 107 12.89 -3.30 1.87
C ALA A 107 12.49 -4.55 1.09
N ASN A 108 11.49 -5.30 1.60
CA ASN A 108 10.94 -6.49 0.96
C ASN A 108 10.10 -6.09 -0.25
N LEU A 109 9.44 -4.91 -0.18
CA LEU A 109 8.65 -4.32 -1.27
C LEU A 109 9.59 -3.90 -2.40
N ALA A 110 10.79 -3.42 -2.03
CA ALA A 110 11.86 -3.02 -2.95
C ALA A 110 12.49 -4.27 -3.58
N ALA A 111 12.58 -5.38 -2.79
CA ALA A 111 13.11 -6.67 -3.22
C ALA A 111 12.16 -7.31 -4.23
N ALA A 112 10.84 -7.07 -4.07
CA ALA A 112 9.78 -7.53 -4.96
C ALA A 112 9.88 -6.79 -6.30
N ASP A 113 10.23 -5.49 -6.24
CA ASP A 113 10.44 -4.63 -7.41
C ASP A 113 11.75 -5.01 -8.10
N PHE A 114 12.77 -5.42 -7.30
CA PHE A 114 14.08 -5.89 -7.79
C PHE A 114 13.88 -7.19 -8.57
N PHE A 115 12.97 -8.05 -8.09
CA PHE A 115 12.58 -9.31 -8.73
C PHE A 115 11.77 -9.00 -9.99
N ALA A 116 10.94 -7.93 -9.95
CA ALA A 116 10.14 -7.46 -11.08
C ALA A 116 11.05 -6.90 -12.18
N GLY A 117 12.14 -6.25 -11.77
CA GLY A 117 13.17 -5.71 -12.66
C GLY A 117 13.84 -6.80 -13.48
N LEU A 118 13.99 -7.99 -12.87
CA LEU A 118 14.55 -9.19 -13.49
C LEU A 118 13.48 -9.89 -14.35
N ALA A 119 12.21 -9.82 -13.91
CA ALA A 119 11.04 -10.42 -14.59
C ALA A 119 10.72 -9.68 -15.89
N TYR A 120 10.73 -8.32 -15.87
CA TYR A 120 10.45 -7.52 -17.07
C TYR A 120 11.64 -7.55 -18.04
N PHE A 121 12.88 -7.75 -17.52
CA PHE A 121 14.12 -7.84 -18.32
C PHE A 121 14.07 -9.05 -19.25
N TYR A 122 13.58 -10.20 -18.74
CA TYR A 122 13.43 -11.45 -19.46
C TYR A 122 12.25 -11.35 -20.45
N LEU A 123 11.26 -10.48 -20.13
CA LEU A 123 10.08 -10.22 -20.96
C LEU A 123 10.46 -9.37 -22.19
N MET A 124 11.21 -8.26 -21.97
CA MET A 124 11.65 -7.34 -23.02
C MET A 124 12.65 -7.99 -23.97
N PHE A 125 13.41 -8.99 -23.47
CA PHE A 125 14.38 -9.72 -24.29
C PHE A 125 13.67 -10.73 -25.20
N ASN A 126 12.41 -11.08 -24.87
CA ASN A 126 11.60 -12.04 -25.63
C ASN A 126 10.27 -11.40 -26.13
N THR A 127 10.35 -10.16 -26.64
CA THR A 127 9.18 -9.44 -27.18
C THR A 127 9.38 -9.17 -28.69
N GLY A 128 8.26 -9.02 -29.41
CA GLY A 128 8.25 -8.77 -30.84
C GLY A 128 8.60 -10.00 -31.67
N PRO A 129 9.74 -9.99 -32.40
CA PRO A 129 10.09 -11.18 -33.20
C PRO A 129 10.65 -12.33 -32.36
N ASN A 130 11.15 -12.04 -31.14
CA ASN A 130 11.71 -13.03 -30.22
C ASN A 130 10.60 -13.78 -29.46
N THR A 131 9.33 -13.37 -29.60
CA THR A 131 8.16 -14.01 -28.99
C THR A 131 7.93 -15.37 -29.66
N ARG A 132 8.19 -15.46 -30.98
CA ARG A 132 8.06 -16.66 -31.81
C ARG A 132 9.10 -17.73 -31.39
N ARG A 133 10.29 -17.28 -30.93
CA ARG A 133 11.40 -18.14 -30.47
C ARG A 133 11.06 -18.89 -29.18
N LEU A 134 10.12 -18.36 -28.37
CA LEU A 134 9.70 -18.96 -27.10
C LEU A 134 8.93 -20.27 -27.29
N THR A 135 9.21 -21.24 -26.41
CA THR A 135 8.56 -22.55 -26.36
C THR A 135 7.40 -22.45 -25.33
N VAL A 136 6.61 -23.54 -25.17
CA VAL A 136 5.47 -23.61 -24.26
C VAL A 136 5.96 -23.39 -22.80
N SER A 137 7.08 -24.02 -22.42
CA SER A 137 7.69 -23.93 -21.09
C SER A 137 8.26 -22.53 -20.79
N THR A 138 8.98 -21.93 -21.76
CA THR A 138 9.62 -20.60 -21.61
C THR A 138 8.58 -19.47 -21.61
N TRP A 139 7.43 -19.66 -22.30
CA TRP A 139 6.35 -18.66 -22.34
C TRP A 139 5.72 -18.54 -20.96
N LEU A 140 5.47 -19.70 -20.31
CA LEU A 140 4.90 -19.81 -18.96
C LEU A 140 5.89 -19.29 -17.91
N LEU A 141 7.21 -19.29 -18.25
CA LEU A 141 8.28 -18.82 -17.38
C LEU A 141 8.24 -17.28 -17.30
N ARG A 142 8.28 -16.56 -18.45
CA ARG A 142 8.26 -15.10 -18.47
C ARG A 142 6.93 -14.56 -17.93
N GLN A 143 5.80 -15.25 -18.24
CA GLN A 143 4.48 -14.87 -17.78
C GLN A 143 4.32 -15.17 -16.28
N GLY A 144 4.97 -16.25 -15.83
CA GLY A 144 4.95 -16.68 -14.43
C GLY A 144 5.73 -15.76 -13.51
N LEU A 145 6.92 -15.30 -13.95
CA LEU A 145 7.80 -14.40 -13.20
C LEU A 145 7.15 -13.03 -12.96
N ILE A 146 6.30 -12.58 -13.92
CA ILE A 146 5.57 -11.33 -13.86
C ILE A 146 4.39 -11.47 -12.86
N ASP A 147 3.69 -12.62 -12.88
CA ASP A 147 2.57 -12.91 -11.97
C ASP A 147 3.07 -13.08 -10.52
N THR A 148 4.30 -13.61 -10.36
CA THR A 148 4.96 -13.81 -9.06
C THR A 148 5.32 -12.43 -8.47
N SER A 149 5.94 -11.55 -9.29
CA SER A 149 6.40 -10.20 -8.91
C SER A 149 5.24 -9.29 -8.47
N LEU A 150 4.06 -9.41 -9.12
CA LEU A 150 2.88 -8.62 -8.80
C LEU A 150 2.37 -8.96 -7.40
N THR A 151 2.01 -10.25 -7.16
CA THR A 151 1.51 -10.75 -5.88
C THR A 151 2.56 -10.61 -4.77
N ALA A 152 3.86 -10.47 -5.12
CA ALA A 152 4.93 -10.24 -4.16
C ALA A 152 4.80 -8.83 -3.57
N SER A 153 4.45 -7.85 -4.43
CA SER A 153 4.24 -6.45 -4.05
C SER A 153 2.84 -6.23 -3.47
N VAL A 154 1.84 -6.99 -3.97
CA VAL A 154 0.43 -6.94 -3.54
C VAL A 154 0.35 -7.41 -2.08
N ALA A 155 0.97 -8.56 -1.74
CA ALA A 155 1.00 -9.12 -0.38
C ALA A 155 1.86 -8.25 0.56
N ASN A 156 2.92 -7.60 0.02
CA ASN A 156 3.80 -6.71 0.78
C ASN A 156 3.05 -5.46 1.23
N LEU A 157 2.32 -4.80 0.29
CA LEU A 157 1.51 -3.61 0.56
C LEU A 157 0.34 -3.94 1.50
N LEU A 158 -0.18 -5.19 1.42
CA LEU A 158 -1.25 -5.72 2.26
C LEU A 158 -0.73 -5.87 3.70
N ALA A 159 0.51 -6.38 3.85
CA ALA A 159 1.18 -6.57 5.14
C ALA A 159 1.52 -5.23 5.78
N ILE A 160 1.89 -4.21 4.95
CA ILE A 160 2.20 -2.85 5.38
C ILE A 160 0.91 -2.18 5.88
N ALA A 161 -0.23 -2.42 5.19
CA ALA A 161 -1.55 -1.90 5.55
C ALA A 161 -2.01 -2.44 6.91
N ILE A 162 -1.69 -3.71 7.22
CA ILE A 162 -2.00 -4.37 8.50
C ILE A 162 -1.05 -3.80 9.58
N GLU A 163 0.25 -3.64 9.24
CA GLU A 163 1.30 -3.08 10.10
C GLU A 163 0.92 -1.67 10.58
N ARG A 164 0.38 -0.82 9.68
CA ARG A 164 -0.04 0.54 10.02
C ARG A 164 -1.36 0.53 10.81
N HIS A 165 -2.23 -0.48 10.56
CA HIS A 165 -3.53 -0.61 11.24
C HIS A 165 -3.35 -1.00 12.73
N ILE A 166 -2.23 -1.67 13.07
CA ILE A 166 -1.94 -2.10 14.44
C ILE A 166 -1.24 -0.93 15.19
N THR A 167 -0.14 -0.38 14.63
CA THR A 167 0.69 0.69 15.22
C THR A 167 -0.09 1.98 15.53
N VAL A 168 -1.16 2.30 14.77
CA VAL A 168 -1.98 3.50 15.00
C VAL A 168 -2.81 3.29 16.29
N PHE A 169 -3.43 2.09 16.44
CA PHE A 169 -4.23 1.75 17.62
C PHE A 169 -3.33 1.35 18.82
N ARG A 170 -2.02 1.10 18.58
CA ARG A 170 -1.03 0.76 19.61
C ARG A 170 -0.10 1.96 19.91
N MET A 171 -0.36 3.13 19.25
CA MET A 171 0.33 4.41 19.35
C MET A 171 1.79 4.36 18.84
N GLN A 172 2.67 3.52 19.43
CA GLN A 172 4.07 3.44 19.03
C GLN A 172 4.47 2.03 18.55
N LEU A 173 5.71 1.88 18.02
CA LEU A 173 6.30 0.66 17.48
C LEU A 173 6.42 -0.48 18.52
N HIS A 174 6.67 -1.70 18.04
CA HIS A 174 6.79 -2.93 18.86
C HIS A 174 8.25 -3.24 19.23
N THR A 175 8.47 -4.34 20.00
CA THR A 175 9.78 -4.80 20.49
C THR A 175 10.48 -5.73 19.46
N ARG A 176 11.57 -6.41 19.89
CA ARG A 176 12.40 -7.33 19.11
C ARG A 176 11.61 -8.56 18.63
N MET A 177 10.59 -9.00 19.39
CA MET A 177 9.74 -10.15 19.05
C MET A 177 9.10 -9.98 17.66
N SER A 178 8.62 -8.76 17.34
CA SER A 178 7.99 -8.44 16.05
C SER A 178 9.00 -8.49 14.89
N ASN A 179 10.30 -8.17 15.16
CA ASN A 179 11.37 -8.21 14.15
C ASN A 179 11.61 -9.66 13.70
N ARG A 180 11.49 -10.62 14.64
CA ARG A 180 11.61 -12.06 14.38
C ARG A 180 10.35 -12.56 13.67
N ARG A 181 9.19 -11.94 13.97
CA ARG A 181 7.90 -12.24 13.36
C ARG A 181 7.84 -11.73 11.92
N VAL A 182 8.55 -10.61 11.63
CA VAL A 182 8.63 -9.98 10.30
C VAL A 182 9.30 -10.96 9.32
N VAL A 183 10.35 -11.68 9.77
CA VAL A 183 11.06 -12.70 8.98
C VAL A 183 10.06 -13.77 8.51
N VAL A 184 9.16 -14.20 9.42
CA VAL A 184 8.09 -15.19 9.19
C VAL A 184 7.08 -14.59 8.18
N VAL A 185 6.72 -13.30 8.33
CA VAL A 185 5.78 -12.57 7.45
C VAL A 185 6.37 -12.49 6.03
N ILE A 186 7.69 -12.18 5.91
CA ILE A 186 8.43 -12.08 4.63
C ILE A 186 8.33 -13.44 3.89
N VAL A 187 8.48 -14.57 4.62
CA VAL A 187 8.38 -15.93 4.09
C VAL A 187 6.96 -16.14 3.50
N VAL A 188 5.90 -15.78 4.27
CA VAL A 188 4.49 -15.89 3.88
C VAL A 188 4.23 -15.10 2.57
N ILE A 189 4.76 -13.85 2.47
CA ILE A 189 4.62 -12.97 1.31
C ILE A 189 5.25 -13.62 0.05
N TRP A 190 6.50 -14.11 0.16
CA TRP A 190 7.21 -14.74 -0.95
C TRP A 190 6.62 -16.11 -1.30
N THR A 191 6.14 -16.90 -0.30
CA THR A 191 5.52 -18.21 -0.53
C THR A 191 4.23 -18.03 -1.33
N MET A 192 3.40 -17.03 -0.95
CA MET A 192 2.15 -16.68 -1.63
C MET A 192 2.43 -16.29 -3.09
N ALA A 193 3.50 -15.49 -3.32
CA ALA A 193 3.94 -15.03 -4.63
C ALA A 193 4.35 -16.19 -5.54
N ILE A 194 5.12 -17.16 -5.01
CA ILE A 194 5.60 -18.34 -5.75
C ILE A 194 4.39 -19.22 -6.13
N VAL A 195 3.44 -19.45 -5.18
CA VAL A 195 2.24 -20.27 -5.38
C VAL A 195 1.32 -19.60 -6.45
N MET A 196 1.01 -18.29 -6.29
CA MET A 196 0.15 -17.52 -7.22
C MET A 196 0.74 -17.47 -8.63
N GLY A 197 2.08 -17.48 -8.73
CA GLY A 197 2.79 -17.48 -9.99
C GLY A 197 3.05 -18.87 -10.55
N ALA A 198 2.52 -19.90 -9.86
CA ALA A 198 2.66 -21.32 -10.25
C ALA A 198 1.30 -21.95 -10.57
N ILE A 199 0.19 -21.42 -9.99
CA ILE A 199 -1.19 -21.91 -10.19
C ILE A 199 -1.50 -22.09 -11.72
N PRO A 200 -1.24 -21.13 -12.65
CA PRO A 200 -1.54 -21.40 -14.06
C PRO A 200 -0.57 -22.39 -14.72
N SER A 201 0.62 -22.57 -14.11
CA SER A 201 1.66 -23.48 -14.59
C SER A 201 1.52 -24.87 -13.92
N VAL A 202 0.45 -25.09 -13.13
CA VAL A 202 0.14 -26.37 -12.47
C VAL A 202 -1.34 -26.74 -12.81
N GLY A 203 -1.61 -26.89 -14.11
CA GLY A 203 -2.91 -27.29 -14.61
C GLY A 203 -3.93 -26.25 -15.04
N TRP A 204 -3.98 -25.07 -14.37
CA TRP A 204 -4.98 -24.05 -14.72
C TRP A 204 -4.51 -23.18 -15.92
N ASN A 205 -4.51 -23.78 -17.10
CA ASN A 205 -4.16 -23.15 -18.38
C ASN A 205 -5.02 -23.75 -19.50
N CYS A 206 -5.20 -23.02 -20.62
CA CYS A 206 -6.05 -23.45 -21.74
C CYS A 206 -5.27 -24.37 -22.74
N ILE A 207 -4.27 -25.12 -22.24
CA ILE A 207 -3.45 -26.04 -23.04
C ILE A 207 -4.31 -27.26 -23.47
N CYS A 208 -5.15 -27.80 -22.56
CA CYS A 208 -6.03 -28.95 -22.82
C CYS A 208 -7.50 -28.45 -22.87
N ASP A 209 -7.67 -27.13 -23.03
CA ASP A 209 -8.94 -26.41 -23.15
C ASP A 209 -8.72 -25.27 -24.15
N ILE A 210 -8.19 -25.65 -25.35
CA ILE A 210 -7.77 -24.81 -26.47
C ILE A 210 -8.91 -23.87 -26.98
N GLU A 211 -10.19 -24.24 -26.76
CA GLU A 211 -11.33 -23.42 -27.18
C GLU A 211 -11.57 -22.24 -26.23
N ASN A 212 -11.19 -22.40 -24.94
CA ASN A 212 -11.37 -21.36 -23.92
C ASN A 212 -10.05 -20.58 -23.66
N CYS A 213 -9.29 -20.30 -24.75
CA CYS A 213 -8.05 -19.51 -24.67
C CYS A 213 -8.39 -18.03 -24.80
N SER A 214 -7.69 -17.18 -24.03
CA SER A 214 -7.90 -15.72 -24.05
C SER A 214 -7.15 -15.07 -25.22
N ASN A 215 -7.70 -13.95 -25.72
CA ASN A 215 -7.14 -13.19 -26.85
C ASN A 215 -5.83 -12.51 -26.48
N MET A 216 -5.67 -12.04 -25.22
CA MET A 216 -4.46 -11.37 -24.75
C MET A 216 -3.33 -12.40 -24.51
N ALA A 217 -3.58 -13.40 -23.62
CA ALA A 217 -2.64 -14.46 -23.32
C ALA A 217 -3.10 -15.77 -23.99
N PRO A 218 -2.44 -16.19 -25.09
CA PRO A 218 -2.93 -17.37 -25.83
C PRO A 218 -2.72 -18.72 -25.11
N LEU A 219 -1.90 -18.77 -24.04
CA LEU A 219 -1.65 -20.02 -23.30
C LEU A 219 -2.38 -20.04 -21.94
N TYR A 220 -2.96 -18.89 -21.51
CA TYR A 220 -3.70 -18.76 -20.25
C TYR A 220 -5.21 -18.84 -20.48
N SER A 221 -5.91 -19.54 -19.58
CA SER A 221 -7.37 -19.74 -19.64
C SER A 221 -8.11 -18.47 -19.22
N CYS A 222 -9.29 -18.21 -19.82
CA CYS A 222 -10.13 -17.04 -19.52
C CYS A 222 -10.64 -17.10 -18.09
N SER A 223 -10.97 -18.32 -17.59
CA SER A 223 -11.46 -18.56 -16.22
C SER A 223 -10.42 -18.15 -15.18
N TYR A 224 -9.12 -18.29 -15.51
CA TYR A 224 -8.01 -17.92 -14.63
C TYR A 224 -7.85 -16.41 -14.60
N LEU A 225 -7.84 -15.74 -15.79
CA LEU A 225 -7.65 -14.29 -15.92
C LEU A 225 -8.78 -13.50 -15.23
N VAL A 226 -10.02 -14.01 -15.28
CA VAL A 226 -11.18 -13.37 -14.63
C VAL A 226 -10.98 -13.48 -13.10
N PHE A 227 -10.50 -14.65 -12.62
CA PHE A 227 -10.21 -14.93 -11.21
C PHE A 227 -9.02 -14.10 -10.73
N TRP A 228 -7.92 -14.03 -11.52
CA TRP A 228 -6.69 -13.30 -11.22
C TRP A 228 -6.94 -11.79 -11.11
N ALA A 229 -7.70 -11.22 -12.06
CA ALA A 229 -8.03 -9.79 -12.09
C ALA A 229 -8.96 -9.38 -10.94
N ILE A 230 -9.97 -10.23 -10.62
CA ILE A 230 -10.92 -9.93 -9.54
C ILE A 230 -10.24 -10.15 -8.17
N PHE A 231 -9.19 -10.99 -8.10
CA PHE A 231 -8.44 -11.27 -6.86
C PHE A 231 -7.56 -10.07 -6.48
N ASN A 232 -6.83 -9.50 -7.46
CA ASN A 232 -5.95 -8.35 -7.23
C ASN A 232 -6.75 -7.06 -7.02
N LEU A 233 -7.93 -6.91 -7.65
CA LEU A 233 -8.77 -5.72 -7.51
C LEU A 233 -9.50 -5.70 -6.17
N VAL A 234 -9.96 -6.87 -5.66
CA VAL A 234 -10.66 -6.94 -4.37
C VAL A 234 -9.65 -6.68 -3.23
N THR A 235 -8.35 -6.99 -3.46
CA THR A 235 -7.27 -6.75 -2.50
C THR A 235 -7.02 -5.23 -2.42
N PHE A 236 -7.12 -4.52 -3.57
CA PHE A 236 -6.96 -3.07 -3.63
C PHE A 236 -8.08 -2.35 -2.87
N VAL A 237 -9.32 -2.88 -2.96
CA VAL A 237 -10.51 -2.33 -2.31
C VAL A 237 -10.39 -2.48 -0.79
N VAL A 238 -10.07 -3.70 -0.28
CA VAL A 238 -9.95 -3.96 1.16
C VAL A 238 -8.76 -3.17 1.75
N MET A 239 -7.70 -2.88 0.94
CA MET A 239 -6.56 -2.09 1.38
C MET A 239 -6.96 -0.62 1.55
N VAL A 240 -7.81 -0.10 0.64
CA VAL A 240 -8.34 1.28 0.69
C VAL A 240 -9.19 1.43 1.97
N VAL A 241 -10.03 0.42 2.28
CA VAL A 241 -10.91 0.36 3.46
C VAL A 241 -10.04 0.42 4.75
N LEU A 242 -8.88 -0.29 4.75
CA LEU A 242 -7.94 -0.31 5.89
C LEU A 242 -7.42 1.08 6.22
N TYR A 243 -6.92 1.85 5.21
CA TYR A 243 -6.40 3.21 5.40
C TYR A 243 -7.54 4.19 5.68
N ALA A 244 -8.73 4.00 5.05
CA ALA A 244 -9.91 4.85 5.26
C ALA A 244 -10.39 4.76 6.71
N HIS A 245 -10.23 3.57 7.34
CA HIS A 245 -10.56 3.31 8.74
C HIS A 245 -9.55 4.01 9.65
N ILE A 246 -8.28 4.12 9.21
CA ILE A 246 -7.20 4.78 9.94
C ILE A 246 -7.40 6.30 9.88
N PHE A 247 -7.50 6.88 8.65
CA PHE A 247 -7.69 8.32 8.44
C PHE A 247 -8.99 8.83 9.08
N GLY A 248 -10.05 8.02 9.02
CA GLY A 248 -11.35 8.33 9.61
C GLY A 248 -11.28 8.44 11.12
N TYR A 249 -10.54 7.49 11.76
CA TYR A 249 -10.32 7.43 13.22
C TYR A 249 -9.42 8.58 13.69
N VAL A 250 -8.40 8.95 12.88
CA VAL A 250 -7.47 10.05 13.19
C VAL A 250 -8.25 11.37 13.10
N ALA A 251 -9.10 11.54 12.05
CA ALA A 251 -9.95 12.71 11.86
C ALA A 251 -10.97 12.85 13.00
N ASP A 252 -11.48 11.71 13.51
CA ASP A 252 -12.42 11.65 14.63
C ASP A 252 -11.73 12.10 15.92
N LEU A 253 -10.45 11.73 16.11
CA LEU A 253 -9.67 12.13 17.28
C LEU A 253 -9.26 13.60 17.18
N GLU A 254 -8.94 14.08 15.95
CA GLU A 254 -8.54 15.46 15.69
C GLU A 254 -9.70 16.44 15.86
N ASP A 255 -10.94 16.05 15.46
CA ASP A 255 -12.11 16.92 15.62
C ASP A 255 -12.53 16.97 17.10
N ASN A 256 -12.31 15.87 17.85
CA ASN A 256 -12.59 15.80 19.29
C ASN A 256 -11.58 16.66 20.06
N TRP A 257 -10.31 16.68 19.58
CA TRP A 257 -9.21 17.50 20.13
C TRP A 257 -9.49 18.97 19.84
N GLU A 258 -10.10 19.26 18.66
CA GLU A 258 -10.49 20.60 18.21
C GLU A 258 -11.63 21.12 19.09
N THR A 259 -12.61 20.24 19.42
CA THR A 259 -13.76 20.56 20.28
C THR A 259 -13.28 20.79 21.72
N LEU A 260 -12.27 20.02 22.17
CA LEU A 260 -11.70 20.11 23.52
C LEU A 260 -10.88 21.40 23.71
N ASN A 261 -10.19 21.87 22.65
CA ASN A 261 -9.36 23.08 22.71
C ASN A 261 -10.15 24.38 22.50
N ASP A 262 -11.13 24.38 21.57
CA ASP A 262 -11.92 25.58 21.26
C ASP A 262 -12.89 25.93 22.39
N ASN A 263 -13.58 24.93 22.98
CA ASN A 263 -14.54 25.13 24.08
C ASN A 263 -13.84 25.50 25.39
N LEU A 264 -12.54 25.17 25.53
CA LEU A 264 -11.72 25.49 26.71
C LEU A 264 -11.46 27.00 26.77
N LYS A 265 -11.30 27.64 25.59
CA LYS A 265 -11.07 29.08 25.45
C LYS A 265 -12.35 29.89 25.74
N VAL A 266 -13.53 29.27 25.54
CA VAL A 266 -14.85 29.87 25.78
C VAL A 266 -15.03 30.08 27.30
N ILE A 267 -14.60 29.09 28.11
CA ILE A 267 -14.68 29.12 29.58
C ILE A 267 -13.73 30.21 30.13
N GLU A 268 -12.53 30.36 29.50
CA GLU A 268 -11.51 31.36 29.86
C GLU A 268 -12.06 32.79 29.78
N LYS A 269 -12.98 33.04 28.82
CA LYS A 269 -13.65 34.33 28.63
C LYS A 269 -14.70 34.53 29.74
N ALA A 270 -14.71 35.74 30.36
CA ALA A 270 -15.64 36.09 31.44
C ALA A 270 -17.07 36.16 30.92
N ASP A 271 -17.86 35.10 31.18
CA ASP A 271 -19.25 34.96 30.75
C ASP A 271 -20.14 34.42 31.88
N ASN A 272 -21.45 34.26 31.61
CA ASN A 272 -22.46 33.74 32.54
C ASN A 272 -22.30 32.22 32.74
N ALA A 273 -23.06 31.66 33.72
CA ALA A 273 -23.04 30.24 34.09
C ALA A 273 -23.53 29.33 32.94
N ALA A 274 -24.51 29.77 32.13
CA ALA A 274 -25.07 29.02 31.01
C ALA A 274 -24.04 28.80 29.89
N GLN A 275 -23.12 29.76 29.69
CA GLN A 275 -22.06 29.69 28.68
C GLN A 275 -20.99 28.65 29.06
N VAL A 276 -20.69 28.54 30.37
CA VAL A 276 -19.71 27.62 30.92
C VAL A 276 -20.23 26.16 30.81
N LYS A 277 -21.53 25.95 31.12
CA LYS A 277 -22.20 24.64 31.05
C LYS A 277 -22.21 24.07 29.63
N ASP A 278 -22.53 24.91 28.62
CA ASP A 278 -22.59 24.54 27.20
C ASP A 278 -21.23 24.08 26.66
N ALA A 279 -20.13 24.74 27.11
CA ALA A 279 -18.77 24.42 26.69
C ALA A 279 -18.27 23.12 27.32
N LEU A 280 -18.60 22.88 28.62
CA LEU A 280 -18.19 21.68 29.35
C LEU A 280 -18.93 20.43 28.86
N THR A 281 -20.22 20.56 28.48
CA THR A 281 -21.05 19.45 27.99
C THR A 281 -20.50 18.97 26.63
N LYS A 282 -20.04 19.91 25.78
CA LYS A 282 -19.45 19.61 24.47
C LYS A 282 -18.09 18.92 24.61
N MET A 283 -17.34 19.24 25.69
CA MET A 283 -16.03 18.63 25.97
C MET A 283 -16.20 17.21 26.50
N ARG A 284 -17.26 16.95 27.30
CA ARG A 284 -17.57 15.65 27.88
C ARG A 284 -17.99 14.66 26.80
N ALA A 285 -18.82 15.12 25.83
CA ALA A 285 -19.32 14.32 24.71
C ALA A 285 -18.18 13.96 23.74
N ALA A 286 -17.21 14.87 23.55
CA ALA A 286 -16.06 14.68 22.68
C ALA A 286 -15.04 13.71 23.30
N ALA A 287 -14.91 13.72 24.65
CA ALA A 287 -14.00 12.86 25.40
C ALA A 287 -14.46 11.40 25.40
N LEU A 288 -15.78 11.16 25.41
CA LEU A 288 -16.38 9.82 25.39
C LEU A 288 -16.21 9.17 24.02
N ASP A 289 -16.15 9.97 22.95
CA ASP A 289 -15.96 9.52 21.57
C ASP A 289 -14.46 9.32 21.28
N ALA A 290 -13.59 9.96 22.08
CA ALA A 290 -12.13 9.91 21.95
C ALA A 290 -11.56 8.59 22.52
N GLN A 291 -12.21 8.04 23.57
CA GLN A 291 -11.77 6.81 24.24
C GLN A 291 -12.30 5.54 23.50
N LYS A 292 -13.05 5.73 22.39
CA LYS A 292 -13.59 4.65 21.57
C LYS A 292 -12.68 4.40 20.35
N GLY A 293 -12.31 3.15 20.16
CA GLY A 293 -11.44 2.71 19.07
C GLY A 293 -12.11 2.75 17.71
N MET A 303 -4.67 -6.27 24.88
CA MET A 303 -4.29 -5.18 23.98
C MET A 303 -3.90 -3.92 24.78
N LYS A 304 -2.99 -3.09 24.22
CA LYS A 304 -2.52 -1.85 24.82
C LYS A 304 -3.63 -0.79 24.81
N ASP A 305 -4.04 -0.34 26.01
CA ASP A 305 -5.09 0.66 26.18
C ASP A 305 -4.67 1.72 27.20
N PHE A 306 -4.64 2.99 26.76
CA PHE A 306 -4.28 4.12 27.62
C PHE A 306 -5.55 4.96 27.90
N ARG A 307 -6.69 4.26 28.09
CA ARG A 307 -8.01 4.84 28.38
C ARG A 307 -8.05 5.37 29.83
N HIS A 308 -7.17 4.84 30.71
CA HIS A 308 -7.05 5.23 32.11
C HIS A 308 -6.32 6.58 32.27
N GLY A 309 -5.92 7.18 31.14
CA GLY A 309 -5.26 8.48 31.09
C GLY A 309 -6.20 9.58 30.63
N PHE A 310 -7.11 9.26 29.69
CA PHE A 310 -8.10 10.17 29.13
C PHE A 310 -9.36 10.27 30.01
N ASP A 311 -9.65 9.22 30.82
CA ASP A 311 -10.83 9.19 31.70
C ASP A 311 -10.66 10.16 32.89
N ILE A 312 -9.41 10.55 33.22
CA ILE A 312 -9.07 11.49 34.30
C ILE A 312 -9.64 12.87 33.90
N LEU A 313 -9.49 13.23 32.61
CA LEU A 313 -10.00 14.48 32.02
C LEU A 313 -11.52 14.52 32.05
N VAL A 314 -12.18 13.35 31.84
CA VAL A 314 -13.65 13.18 31.86
C VAL A 314 -14.16 13.51 33.28
N GLY A 315 -13.46 13.00 34.29
CA GLY A 315 -13.76 13.21 35.70
C GLY A 315 -13.57 14.66 36.13
N GLN A 316 -12.50 15.31 35.62
CA GLN A 316 -12.16 16.71 35.91
C GLN A 316 -13.21 17.66 35.32
N ILE A 317 -13.76 17.33 34.13
CA ILE A 317 -14.81 18.12 33.46
C ILE A 317 -16.13 17.94 34.22
N ASP A 318 -16.44 16.69 34.65
CA ASP A 318 -17.65 16.34 35.42
C ASP A 318 -17.69 17.09 36.75
N ASP A 319 -16.53 17.22 37.45
CA ASP A 319 -16.41 17.94 38.72
C ASP A 319 -16.53 19.46 38.49
N ALA A 320 -16.07 19.95 37.32
CA ALA A 320 -16.14 21.36 36.93
C ALA A 320 -17.57 21.73 36.54
N LEU A 321 -18.33 20.75 35.98
CA LEU A 321 -19.73 20.90 35.56
C LEU A 321 -20.65 21.05 36.79
N LYS A 322 -20.33 20.33 37.89
CA LYS A 322 -21.06 20.37 39.16
C LYS A 322 -20.96 21.74 39.82
N LEU A 323 -19.79 22.41 39.69
CA LEU A 323 -19.51 23.75 40.23
C LEU A 323 -20.34 24.82 39.51
N ALA A 324 -20.56 24.64 38.19
CA ALA A 324 -21.34 25.55 37.35
C ALA A 324 -22.84 25.44 37.64
N ASN A 325 -23.32 24.21 38.00
CA ASN A 325 -24.72 23.92 38.31
C ASN A 325 -25.14 24.58 39.63
N GLU A 326 -24.20 24.72 40.59
CA GLU A 326 -24.42 25.33 41.90
C GLU A 326 -24.60 26.85 41.79
N GLY A 327 -23.79 27.46 40.93
CA GLY A 327 -23.78 28.90 40.70
C GLY A 327 -22.41 29.52 40.69
N LYS A 328 -21.39 28.75 41.15
CA LYS A 328 -19.99 29.18 41.23
C LYS A 328 -19.38 29.17 39.82
N VAL A 329 -19.38 30.36 39.17
CA VAL A 329 -18.86 30.54 37.81
C VAL A 329 -17.32 30.63 37.86
N LYS A 330 -16.77 31.44 38.79
CA LYS A 330 -15.33 31.65 38.97
C LYS A 330 -14.60 30.36 39.34
N GLU A 331 -15.24 29.49 40.15
CA GLU A 331 -14.69 28.19 40.56
C GLU A 331 -14.69 27.20 39.39
N ALA A 332 -15.71 27.29 38.50
CA ALA A 332 -15.84 26.45 37.32
C ALA A 332 -14.79 26.82 36.26
N GLN A 333 -14.43 28.11 36.17
CA GLN A 333 -13.42 28.64 35.25
C GLN A 333 -12.02 28.24 35.71
N ALA A 334 -11.80 28.21 37.05
CA ALA A 334 -10.53 27.83 37.68
C ALA A 334 -10.27 26.32 37.55
N ALA A 335 -11.34 25.50 37.65
CA ALA A 335 -11.28 24.05 37.53
C ALA A 335 -10.99 23.62 36.09
N ALA A 336 -11.54 24.38 35.11
CA ALA A 336 -11.34 24.15 33.67
C ALA A 336 -9.94 24.59 33.22
N GLU A 337 -9.30 25.49 34.01
CA GLU A 337 -7.95 26.00 33.75
C GLU A 337 -6.91 24.93 34.10
N GLN A 338 -7.25 24.02 35.05
CA GLN A 338 -6.40 22.92 35.49
C GLN A 338 -6.39 21.82 34.43
N LEU A 339 -7.45 21.74 33.60
CA LEU A 339 -7.62 20.78 32.50
C LEU A 339 -6.63 21.11 31.37
N LYS A 340 -6.29 22.41 31.21
CA LYS A 340 -5.34 22.91 30.21
C LYS A 340 -3.92 22.43 30.52
N THR A 341 -3.54 22.35 31.81
CA THR A 341 -2.22 21.88 32.24
C THR A 341 -2.14 20.34 32.15
N THR A 342 -3.30 19.65 32.18
CA THR A 342 -3.40 18.19 32.10
C THR A 342 -3.14 17.72 30.66
N ARG A 343 -3.75 18.41 29.65
CA ARG A 343 -3.59 18.06 28.23
C ARG A 343 -2.20 18.48 27.71
N ASN A 344 -1.55 19.48 28.36
CA ASN A 344 -0.22 19.97 27.99
C ASN A 344 0.90 19.06 28.55
N ALA A 345 0.53 17.99 29.27
CA ALA A 345 1.46 17.02 29.85
C ALA A 345 1.64 15.81 28.92
N TYR A 346 0.57 15.44 28.17
CA TYR A 346 0.56 14.32 27.23
C TYR A 346 0.76 14.79 25.78
N ILE A 347 0.93 16.12 25.57
CA ILE A 347 1.14 16.73 24.26
C ILE A 347 2.58 16.42 23.74
N GLN A 348 3.50 16.04 24.64
CA GLN A 348 4.89 15.72 24.30
C GLN A 348 5.09 14.20 24.16
N LYS A 349 4.17 13.40 24.73
CA LYS A 349 4.23 11.94 24.73
C LYS A 349 3.45 11.32 23.55
N TYR A 350 2.35 11.95 23.09
CA TYR A 350 1.54 11.39 22.00
C TYR A 350 1.35 12.35 20.82
N LEU A 351 1.09 13.65 21.08
CA LEU A 351 0.86 14.64 20.02
C LEU A 351 2.14 15.00 19.24
N ARG A 352 3.33 14.83 19.87
CA ARG A 352 4.61 15.11 19.22
C ARG A 352 5.13 13.88 18.45
N ASN A 353 4.63 12.67 18.81
CA ASN A 353 5.03 11.40 18.20
C ASN A 353 4.08 10.99 17.06
N ARG A 354 2.84 11.54 17.01
CA ARG A 354 1.86 11.22 15.97
C ARG A 354 2.23 11.88 14.63
N ASP A 355 2.98 13.01 14.66
CA ASP A 355 3.42 13.75 13.48
C ASP A 355 4.44 12.94 12.68
N THR A 356 5.32 12.19 13.38
CA THR A 356 6.33 11.33 12.76
C THR A 356 5.66 10.07 12.18
N MET A 357 4.55 9.63 12.82
CA MET A 357 3.76 8.47 12.41
C MET A 357 2.94 8.79 11.16
N MET A 358 2.27 9.96 11.12
CA MET A 358 1.45 10.41 9.99
C MET A 358 2.31 10.75 8.76
N SER A 359 3.58 11.18 8.97
CA SER A 359 4.53 11.51 7.90
C SER A 359 4.91 10.24 7.13
N LEU A 360 5.06 9.11 7.85
CA LEU A 360 5.39 7.81 7.28
C LEU A 360 4.12 7.14 6.73
N LEU A 361 2.95 7.41 7.35
CA LEU A 361 1.65 6.88 6.95
C LEU A 361 1.25 7.42 5.57
N LYS A 362 1.41 8.75 5.35
CA LYS A 362 1.10 9.43 4.10
C LYS A 362 1.98 8.93 2.94
N THR A 363 3.28 8.66 3.24
CA THR A 363 4.28 8.15 2.29
C THR A 363 3.83 6.78 1.75
N VAL A 364 3.32 5.91 2.65
CA VAL A 364 2.83 4.56 2.38
C VAL A 364 1.58 4.63 1.43
N VAL A 365 0.66 5.59 1.69
CA VAL A 365 -0.57 5.79 0.91
C VAL A 365 -0.20 6.28 -0.51
N ILE A 366 0.88 7.06 -0.67
CA ILE A 366 1.36 7.54 -1.98
C ILE A 366 1.90 6.34 -2.79
N VAL A 367 2.63 5.42 -2.13
CA VAL A 367 3.18 4.19 -2.74
C VAL A 367 2.01 3.30 -3.20
N LEU A 368 0.97 3.16 -2.34
CA LEU A 368 -0.23 2.36 -2.62
C LEU A 368 -1.10 3.03 -3.69
N GLY A 369 -1.20 4.36 -3.63
CA GLY A 369 -1.97 5.18 -4.56
C GLY A 369 -1.48 5.07 -5.99
N ALA A 370 -0.15 5.19 -6.17
CA ALA A 370 0.53 5.08 -7.46
C ALA A 370 0.41 3.66 -8.02
N PHE A 371 0.39 2.65 -7.12
CA PHE A 371 0.25 1.23 -7.46
C PHE A 371 -1.13 0.93 -8.04
N ILE A 372 -2.20 1.52 -7.46
CA ILE A 372 -3.59 1.32 -7.89
C ILE A 372 -3.81 2.00 -9.27
N ILE A 373 -3.46 3.30 -9.39
CA ILE A 373 -3.62 4.15 -10.58
C ILE A 373 -2.96 3.51 -11.85
N CYS A 374 -1.84 2.78 -11.71
CA CYS A 374 -1.14 2.20 -12.86
C CYS A 374 -1.53 0.73 -13.13
N TRP A 375 -1.80 -0.07 -12.08
CA TRP A 375 -2.12 -1.50 -12.25
C TRP A 375 -3.60 -1.77 -12.60
N THR A 376 -4.55 -0.93 -12.11
CA THR A 376 -5.99 -1.10 -12.36
C THR A 376 -6.31 -1.06 -13.88
N PRO A 377 -5.81 -0.10 -14.72
CA PRO A 377 -6.17 -0.14 -16.16
C PRO A 377 -5.73 -1.42 -16.88
N GLY A 378 -4.61 -2.00 -16.44
CA GLY A 378 -4.09 -3.24 -16.98
C GLY A 378 -4.89 -4.46 -16.56
N LEU A 379 -5.42 -4.45 -15.31
CA LEU A 379 -6.23 -5.52 -14.75
C LEU A 379 -7.67 -5.45 -15.29
N VAL A 380 -8.17 -4.23 -15.59
CA VAL A 380 -9.50 -4.00 -16.17
C VAL A 380 -9.45 -4.49 -17.64
N LEU A 381 -8.28 -4.32 -18.29
CA LEU A 381 -8.00 -4.76 -19.66
C LEU A 381 -8.12 -6.29 -19.77
N LEU A 382 -7.72 -7.03 -18.71
CA LEU A 382 -7.80 -8.48 -18.60
C LEU A 382 -9.26 -8.92 -18.52
N LEU A 383 -10.11 -8.14 -17.82
CA LEU A 383 -11.54 -8.39 -17.67
C LEU A 383 -12.27 -8.13 -18.99
N LEU A 384 -11.91 -7.04 -19.70
CA LEU A 384 -12.49 -6.65 -20.98
C LEU A 384 -12.04 -7.60 -22.13
N ASP A 385 -11.02 -8.43 -21.88
CA ASP A 385 -10.47 -9.38 -22.83
C ASP A 385 -11.37 -10.62 -22.97
N CYS A 386 -11.96 -11.10 -21.86
CA CYS A 386 -12.80 -12.29 -21.85
C CYS A 386 -14.31 -11.94 -21.65
N CYS A 387 -14.64 -10.80 -21.01
CA CYS A 387 -16.04 -10.44 -20.73
C CYS A 387 -16.57 -9.32 -21.67
N CYS A 388 -15.73 -8.83 -22.62
CA CYS A 388 -16.13 -7.79 -23.58
C CYS A 388 -15.60 -8.16 -25.00
N PRO A 389 -16.23 -9.16 -25.68
CA PRO A 389 -15.77 -9.52 -27.04
C PRO A 389 -16.55 -8.74 -28.11
N GLN A 390 -15.82 -7.95 -28.95
CA GLN A 390 -16.30 -7.12 -30.08
C GLN A 390 -16.84 -5.73 -29.66
N CYS A 391 -16.81 -5.37 -28.36
CA CYS A 391 -17.28 -4.04 -27.93
C CYS A 391 -16.19 -2.97 -28.18
N ASP A 392 -14.90 -3.31 -27.92
CA ASP A 392 -13.75 -2.43 -28.14
C ASP A 392 -12.44 -3.24 -28.30
N VAL A 393 -11.52 -2.72 -29.13
CA VAL A 393 -10.22 -3.35 -29.44
C VAL A 393 -9.24 -3.07 -28.28
N LEU A 394 -8.38 -4.06 -27.95
CA LEU A 394 -7.38 -3.96 -26.89
C LEU A 394 -6.03 -3.49 -27.50
N ALA A 395 -6.05 -2.29 -28.12
CA ALA A 395 -4.89 -1.66 -28.76
C ALA A 395 -3.88 -1.14 -27.74
N TYR A 396 -4.38 -0.49 -26.66
CA TYR A 396 -3.55 0.07 -25.58
C TYR A 396 -3.10 -1.07 -24.64
N GLU A 397 -2.20 -1.93 -25.16
CA GLU A 397 -1.64 -3.08 -24.46
C GLU A 397 -0.20 -2.80 -24.01
N LYS A 398 0.61 -2.17 -24.90
CA LYS A 398 2.00 -1.80 -24.65
C LYS A 398 2.12 -0.66 -23.64
N PHE A 399 1.14 0.27 -23.67
CA PHE A 399 1.08 1.45 -22.80
C PHE A 399 0.85 1.07 -21.33
N PHE A 400 -0.16 0.20 -21.05
CA PHE A 400 -0.50 -0.25 -19.70
C PHE A 400 0.60 -1.13 -19.10
N LEU A 401 1.38 -1.84 -19.95
CA LEU A 401 2.50 -2.70 -19.56
C LEU A 401 3.63 -1.84 -18.97
N LEU A 402 4.01 -0.77 -19.69
CA LEU A 402 5.06 0.18 -19.29
C LEU A 402 4.62 1.00 -18.07
N LEU A 403 3.31 1.32 -17.97
CA LEU A 403 2.70 2.09 -16.89
C LEU A 403 2.88 1.37 -15.54
N ALA A 404 2.72 0.04 -15.53
CA ALA A 404 2.89 -0.80 -14.34
C ALA A 404 4.38 -1.04 -14.03
N GLU A 405 5.23 -1.04 -15.08
CA GLU A 405 6.67 -1.26 -14.99
C GLU A 405 7.36 -0.07 -14.30
N PHE A 406 6.90 1.17 -14.60
CA PHE A 406 7.45 2.41 -14.04
C PHE A 406 7.21 2.52 -12.53
N ASN A 407 6.15 1.87 -12.00
CA ASN A 407 5.79 1.88 -10.58
C ASN A 407 6.88 1.23 -9.72
N SER A 408 7.56 0.19 -10.26
CA SER A 408 8.66 -0.52 -9.59
C SER A 408 9.85 0.41 -9.35
N ALA A 409 9.94 1.50 -10.13
CA ALA A 409 10.97 2.53 -10.04
C ALA A 409 10.46 3.76 -9.26
N MET A 410 9.12 3.94 -9.19
CA MET A 410 8.45 5.06 -8.51
C MET A 410 8.63 5.01 -6.98
N ASN A 411 8.62 3.80 -6.38
CA ASN A 411 8.74 3.61 -4.92
C ASN A 411 10.03 4.27 -4.35
N PRO A 412 11.29 4.00 -4.82
CA PRO A 412 12.45 4.70 -4.23
C PRO A 412 12.45 6.21 -4.47
N ILE A 413 11.74 6.68 -5.52
CA ILE A 413 11.61 8.10 -5.86
C ILE A 413 10.69 8.77 -4.82
N ILE A 414 9.63 8.06 -4.37
CA ILE A 414 8.67 8.53 -3.35
C ILE A 414 9.38 8.69 -1.99
N TYR A 415 10.17 7.68 -1.57
CA TYR A 415 10.91 7.70 -0.30
C TYR A 415 12.03 8.76 -0.30
N SER A 416 12.50 9.19 -1.48
CA SER A 416 13.57 10.17 -1.64
C SER A 416 13.13 11.60 -1.29
N TYR A 417 11.89 12.00 -1.62
CA TYR A 417 11.42 13.36 -1.34
C TYR A 417 10.51 13.43 -0.09
N ARG A 418 9.98 12.28 0.38
CA ARG A 418 9.10 12.26 1.56
C ARG A 418 9.88 12.00 2.85
N ASP A 419 10.70 10.93 2.90
CA ASP A 419 11.48 10.60 4.10
C ASP A 419 12.72 11.49 4.17
N LYS A 420 12.88 12.19 5.30
CA LYS A 420 13.98 13.13 5.57
C LYS A 420 15.29 12.40 5.88
N GLU A 421 15.23 11.36 6.75
CA GLU A 421 16.38 10.58 7.19
C GLU A 421 16.94 9.71 6.05
N MET A 422 16.07 9.12 5.22
CA MET A 422 16.43 8.24 4.11
C MET A 422 17.13 8.99 2.97
N SER A 423 16.72 10.25 2.70
CA SER A 423 17.27 11.12 1.64
C SER A 423 18.78 11.37 1.84
N ALA A 424 19.22 11.52 3.11
CA ALA A 424 20.62 11.76 3.46
C ALA A 424 21.43 10.45 3.44
N THR A 425 20.77 9.31 3.66
CA THR A 425 21.38 7.98 3.70
C THR A 425 21.80 7.53 2.29
N PHE A 426 21.03 7.89 1.24
CA PHE A 426 21.31 7.53 -0.16
C PHE A 426 22.65 8.11 -0.65
N ARG A 427 22.98 9.34 -0.22
CA ARG A 427 24.23 10.04 -0.58
C ARG A 427 25.45 9.41 0.11
N GLN A 428 25.25 8.83 1.30
CA GLN A 428 26.30 8.19 2.12
C GLN A 428 26.81 6.89 1.47
N ILE A 429 25.91 6.14 0.78
CA ILE A 429 26.23 4.88 0.09
C ILE A 429 27.07 5.17 -1.16
N LEU A 430 26.68 6.19 -1.95
CA LEU A 430 27.35 6.60 -3.20
C LEU A 430 28.81 7.06 -2.96
N GLY A 431 29.03 7.77 -1.86
CA GLY A 431 30.35 8.28 -1.48
C GLY A 431 31.13 7.30 -0.63
C1 ON3 B . 0.15 -9.80 -18.60
C2 ON3 B . 0.95 -8.92 -17.85
C3 ON3 B . 0.70 -8.74 -16.47
C4 ON3 B . -0.34 -9.45 -15.79
C5 ON3 B . -1.13 -10.36 -16.58
C6 ON3 B . -0.88 -10.52 -17.97
C9 ON3 B . -0.57 -9.20 -14.32
C13 ON3 B . 2.09 -6.74 -16.38
O17 ON3 B . 1.49 -7.84 -15.71
O18 ON3 B . -2.10 -11.06 -15.91
C19 ON3 B . -1.92 -12.45 -15.66
C23 ON3 B . 0.48 -9.94 -20.08
O25 ON3 B . 0.33 -11.26 -20.52
C27 ON3 B . -0.30 -8.98 -21.05
O29 ON3 B . -0.38 -7.65 -20.53
C30 ON3 B . -1.63 -6.99 -20.41
C31 ON3 B . -1.27 -5.48 -20.25
C32 ON3 B . -2.43 -7.34 -19.11
C38 ON3 B . -1.21 -5.33 -18.76
C39 ON3 B . -1.88 -6.38 -18.12
C40 ON3 B . -1.96 -6.46 -16.72
C41 ON3 B . -1.34 -5.44 -15.97
C42 ON3 B . -0.67 -4.38 -16.60
C43 ON3 B . -0.59 -4.31 -18.01
C48 ON3 B . 0.20 -9.07 -22.51
O51 ON3 B . 0.34 -7.80 -23.12
C52 ON3 B . 4.05 -6.14 -24.28
C53 ON3 B . 2.89 -5.36 -24.08
C54 ON3 B . 1.68 -5.95 -23.69
C55 ON3 B . 1.61 -7.35 -23.48
C56 ON3 B . 2.77 -8.16 -23.68
C57 ON3 B . 3.98 -7.54 -24.06
C62 ON3 B . 5.33 -5.51 -24.72
C63 ON3 B . 6.06 -4.47 -23.87
C64 ON3 B . 6.64 -5.86 -24.00
C69 ON3 B . 5.41 -5.32 -26.27
O70 ON3 B . 5.74 -4.19 -26.71
O71 ON3 B . 5.12 -6.32 -26.97
C10 1WV C . 11.86 -17.32 -7.90
C13 1WV C . 9.86 -19.57 -10.42
C17 1WV C . 7.57 -19.64 -12.91
C20 1WV C . 7.19 -21.36 -14.76
C07 1WV C . 15.08 -19.53 -7.33
C08 1WV C . 14.06 -18.63 -8.06
C09 1WV C . 12.93 -18.12 -7.13
C11 1WV C . 10.71 -18.15 -8.48
C12 1WV C . 10.97 -18.61 -9.94
C14 1WV C . 8.56 -18.90 -10.84
O15 1WV C . 8.21 -17.74 -10.64
O16 1WV C . 7.74 -19.77 -11.50
C18 1WV C . 6.74 -20.89 -13.34
O19 1WV C . 5.39 -20.56 -13.51
O21 1WV C . 6.50 -22.50 -15.14
C1 1WV C . 16.03 -18.74 -6.46
C2 1WV C . 16.22 -18.89 -5.13
C3 1WV C . 15.52 -19.87 -4.24
#